data_1K3V
#
_entry.id   1K3V
#
_cell.length_a   442.49
_cell.length_b   443.05
_cell.length_c   251.31
_cell.angle_alpha   90
_cell.angle_beta   90
_cell.angle_gamma   90
#
_symmetry.space_group_name_H-M   'P 21 21 2'
#
_entity_poly.entity_id   1
_entity_poly.type   'polypeptide(L)'
_entity_poly.pdbx_seq_one_letter_code
;MSENVEQHNPINAGTELSATGNESGGGGGGGGGRGAGGVGVSTGTFNNQTEFQYLGEGLVRITAHASRLIHLNMPEHETY
KRIHVLNSESGVAGQMVQDDAHTQMVTPWSLIDANAWGVWFNPADWQLISNNMTEINLVSFEQEIFNVVLKTITESATSP
PTKIYNNDLTASLMVALDTNNTLPYTPAAPRSETLGFYPWLPTKPTQYRYYLSCIRNLNPPTYTGQSQQITDSIQTGLHS
DIMFYTIENAVPIHLLRTGDEFSTGIYHFDTKPLKLTHSWQTNRSLGLPPKLLTEPTTEGDQHPGTLPAANTRKGYHQTI
NNSYTEATAIRPAQVGYNTPYMNFEYSNGGPFLTPIVPTADTQYNDDEPNGAIRFTMDYQHGHLTTSSQELERYTFNPQS
KCGRAPKQQFNQQAPLNLENTNNGTLLPSDPIGGKSNMHFMNTLNTYGPLTALNNTAPVFPNGQIWDKELDTDLKPRLHV
TAPFVCKNNPPGQLFVKIAPNLTDDFNADSPQQPRIITYSNFWWKGTLTFTAKMRSSNMWNPIQQHTTTAENIGNYIPTN
IGGIRMFPEYSQLIPRKLY
;
_entity_poly.pdbx_strand_id   A
#
# COMPACT_ATOMS: atom_id res chain seq x y z
N GLY A 38 41.39 0.25 9.22
CA GLY A 38 40.13 -0.39 9.72
C GLY A 38 39.60 -1.53 8.85
N VAL A 39 40.45 -2.08 7.99
CA VAL A 39 40.06 -3.17 7.11
C VAL A 39 39.46 -4.39 7.78
N GLY A 40 40.20 -4.98 8.71
CA GLY A 40 39.70 -6.16 9.37
C GLY A 40 38.78 -5.98 10.55
N VAL A 41 38.10 -4.84 10.62
CA VAL A 41 37.20 -4.62 11.75
C VAL A 41 35.79 -4.36 11.31
N SER A 42 34.84 -4.92 12.07
CA SER A 42 33.43 -4.75 11.76
C SER A 42 32.97 -3.39 12.26
N THR A 43 32.22 -2.71 11.41
CA THR A 43 31.71 -1.37 11.69
C THR A 43 30.42 -1.36 12.51
N GLY A 44 29.45 -2.17 12.13
CA GLY A 44 28.19 -2.21 12.85
C GLY A 44 27.83 -3.55 13.48
N THR A 45 26.56 -3.69 13.85
CA THR A 45 26.10 -4.92 14.47
C THR A 45 24.74 -5.36 13.96
N PHE A 46 24.53 -6.68 13.88
CA PHE A 46 23.27 -7.22 13.40
C PHE A 46 22.30 -7.43 14.54
N ASN A 47 21.05 -7.04 14.33
CA ASN A 47 20.00 -7.20 15.34
C ASN A 47 18.62 -7.16 14.71
N ASN A 48 17.87 -8.24 14.83
CA ASN A 48 16.52 -8.24 14.28
C ASN A 48 15.53 -8.72 15.34
N GLN A 49 15.68 -8.15 16.53
CA GLN A 49 14.81 -8.45 17.67
C GLN A 49 13.61 -7.53 17.63
N THR A 50 12.58 -7.91 18.37
CA THR A 50 11.36 -7.11 18.41
C THR A 50 11.04 -6.87 19.88
N GLU A 51 11.43 -5.71 20.39
CA GLU A 51 11.21 -5.35 21.80
C GLU A 51 9.85 -4.73 22.07
N PHE A 52 9.11 -5.31 23.00
CA PHE A 52 7.81 -4.79 23.38
C PHE A 52 7.87 -4.32 24.83
N GLN A 53 8.17 -3.04 25.03
CA GLN A 53 8.25 -2.50 26.39
C GLN A 53 6.84 -2.06 26.80
N TYR A 54 6.40 -2.46 27.98
CA TYR A 54 5.08 -2.05 28.47
C TYR A 54 5.26 -0.97 29.51
N LEU A 55 4.55 0.16 29.38
CA LEU A 55 4.68 1.20 30.38
C LEU A 55 3.39 1.47 31.12
N GLY A 56 3.42 2.51 31.93
CA GLY A 56 2.24 2.86 32.71
C GLY A 56 1.00 3.13 31.89
N GLU A 57 -0.13 3.22 32.59
CA GLU A 57 -1.42 3.51 31.97
C GLU A 57 -1.74 2.64 30.76
N GLY A 58 -0.89 1.66 30.49
CA GLY A 58 -1.15 0.77 29.39
C GLY A 58 -0.66 1.15 28.01
N LEU A 59 0.55 1.67 27.92
CA LEU A 59 1.08 2.01 26.62
C LEU A 59 2.19 1.02 26.36
N VAL A 60 2.70 1.01 25.14
CA VAL A 60 3.77 0.10 24.80
C VAL A 60 4.75 0.74 23.84
N ARG A 61 6.02 0.47 24.06
CA ARG A 61 7.07 1.02 23.21
C ARG A 61 7.52 -0.12 22.33
N ILE A 62 6.78 -0.34 21.26
CA ILE A 62 7.10 -1.39 20.33
C ILE A 62 8.29 -0.91 19.53
N THR A 63 9.43 -1.53 19.80
CA THR A 63 10.67 -1.19 19.11
C THR A 63 11.07 -2.32 18.18
N ALA A 64 11.04 -2.06 16.87
CA ALA A 64 11.40 -3.10 15.91
C ALA A 64 12.77 -2.89 15.27
N HIS A 65 13.66 -3.85 15.53
CA HIS A 65 15.00 -3.82 14.98
C HIS A 65 14.99 -4.70 13.75
N ALA A 66 15.57 -4.23 12.67
CA ALA A 66 15.59 -5.03 11.47
C ALA A 66 16.94 -4.93 10.83
N SER A 67 17.60 -6.07 10.71
CA SER A 67 18.89 -6.11 10.11
C SER A 67 18.70 -6.97 8.89
N ARG A 68 19.58 -6.79 7.91
CA ARG A 68 19.45 -7.54 6.69
C ARG A 68 20.72 -7.37 5.85
N LEU A 69 21.17 -8.48 5.29
CA LEU A 69 22.35 -8.47 4.44
C LEU A 69 21.93 -8.05 3.05
N ILE A 70 22.40 -6.89 2.63
CA ILE A 70 22.07 -6.37 1.32
C ILE A 70 23.11 -6.72 0.26
N HIS A 71 22.64 -6.90 -0.96
CA HIS A 71 23.53 -7.21 -2.06
C HIS A 71 23.30 -6.25 -3.19
N LEU A 72 24.37 -5.60 -3.65
CA LEU A 72 24.26 -4.64 -4.74
C LEU A 72 25.17 -4.92 -5.91
N ASN A 73 24.59 -4.90 -7.11
CA ASN A 73 25.35 -5.12 -8.33
C ASN A 73 25.73 -3.78 -8.89
N MET A 74 26.82 -3.74 -9.63
CA MET A 74 27.31 -2.52 -10.23
C MET A 74 26.34 -2.02 -11.31
N PRO A 75 25.79 -0.82 -11.17
CA PRO A 75 24.85 -0.23 -12.13
C PRO A 75 25.30 -0.54 -13.54
N GLU A 76 24.40 -1.07 -14.37
CA GLU A 76 24.79 -1.44 -15.73
C GLU A 76 24.86 -0.32 -16.76
N HIS A 77 24.25 0.82 -16.46
CA HIS A 77 24.29 1.96 -17.38
C HIS A 77 24.58 3.21 -16.55
N GLU A 78 25.85 3.63 -16.53
CA GLU A 78 26.29 4.79 -15.75
C GLU A 78 25.67 6.15 -16.04
N THR A 79 24.60 6.20 -16.83
CA THR A 79 24.00 7.49 -17.15
C THR A 79 22.59 7.64 -16.64
N TYR A 80 22.01 8.80 -16.95
CA TYR A 80 20.65 9.12 -16.59
C TYR A 80 19.89 9.04 -17.89
N LYS A 81 18.99 8.07 -17.99
CA LYS A 81 18.21 7.87 -19.19
C LYS A 81 16.77 8.34 -19.07
N ARG A 82 16.29 9.02 -20.11
CA ARG A 82 14.90 9.49 -20.16
C ARG A 82 14.18 8.63 -21.18
N ILE A 83 13.54 7.58 -20.70
CA ILE A 83 12.83 6.65 -21.56
C ILE A 83 11.32 6.80 -21.56
N HIS A 84 10.72 6.54 -22.71
CA HIS A 84 9.26 6.59 -22.83
C HIS A 84 8.79 5.15 -22.81
N VAL A 85 7.49 4.95 -22.72
CA VAL A 85 6.95 3.60 -22.74
C VAL A 85 5.59 3.57 -23.41
N LEU A 86 5.54 2.86 -24.54
CA LEU A 86 4.32 2.69 -25.33
C LEU A 86 4.11 1.23 -25.59
N ASN A 87 2.97 0.72 -25.16
CA ASN A 87 2.67 -0.68 -25.35
C ASN A 87 1.67 -0.85 -26.47
N SER A 88 1.85 -1.89 -27.26
CA SER A 88 0.99 -2.20 -28.39
C SER A 88 -0.44 -2.34 -27.90
N GLU A 89 -0.60 -2.97 -26.75
CA GLU A 89 -1.88 -3.22 -26.12
C GLU A 89 -2.66 -1.94 -25.85
N SER A 90 -1.93 -0.89 -25.50
CA SER A 90 -2.54 0.40 -25.19
C SER A 90 -3.44 0.92 -26.33
N GLY A 91 -2.94 0.78 -27.56
CA GLY A 91 -3.68 1.25 -28.71
C GLY A 91 -4.54 0.25 -29.45
N VAL A 92 -5.50 -0.33 -28.74
CA VAL A 92 -6.41 -1.31 -29.33
C VAL A 92 -7.80 -1.10 -28.81
N ALA A 93 -8.78 -1.53 -29.58
CA ALA A 93 -10.17 -1.41 -29.18
C ALA A 93 -10.41 -2.09 -27.84
N GLY A 94 -10.88 -1.31 -26.88
CA GLY A 94 -11.20 -1.86 -25.56
C GLY A 94 -10.06 -1.95 -24.56
N GLN A 95 -8.95 -2.51 -25.00
CA GLN A 95 -7.80 -2.68 -24.13
C GLN A 95 -7.22 -1.38 -23.55
N MET A 96 -8.02 -0.30 -23.54
CA MET A 96 -7.56 0.99 -23.02
C MET A 96 -7.14 0.91 -21.57
N VAL A 97 -7.94 0.22 -20.78
CA VAL A 97 -7.63 0.06 -19.38
C VAL A 97 -6.22 -0.51 -19.24
N GLN A 98 -5.76 -1.22 -20.26
CA GLN A 98 -4.43 -1.82 -20.25
C GLN A 98 -3.32 -0.84 -20.60
N ASP A 99 -3.63 0.44 -20.68
CA ASP A 99 -2.60 1.41 -21.04
C ASP A 99 -1.45 1.53 -20.05
N ASP A 100 -0.23 1.43 -20.55
CA ASP A 100 0.93 1.52 -19.66
C ASP A 100 1.84 2.68 -20.01
N ALA A 101 1.40 3.59 -20.86
CA ALA A 101 2.28 4.69 -21.25
C ALA A 101 2.67 5.73 -20.20
N HIS A 102 3.89 6.26 -20.35
CA HIS A 102 4.42 7.28 -19.46
C HIS A 102 5.89 7.49 -19.79
N THR A 103 6.56 8.31 -19.01
CA THR A 103 7.97 8.56 -19.20
C THR A 103 8.77 8.31 -17.93
N GLN A 104 9.91 7.66 -18.12
CA GLN A 104 10.76 7.33 -17.01
C GLN A 104 12.09 8.02 -16.98
N MET A 105 12.53 8.38 -15.79
CA MET A 105 13.86 8.97 -15.62
C MET A 105 14.58 7.83 -14.94
N VAL A 106 15.34 7.08 -15.72
CA VAL A 106 16.07 5.98 -15.14
C VAL A 106 17.43 6.39 -14.60
N THR A 107 17.58 6.37 -13.28
CA THR A 107 18.86 6.75 -12.70
C THR A 107 19.77 5.56 -12.49
N PRO A 108 21.08 5.80 -12.34
CA PRO A 108 22.04 4.74 -12.13
C PRO A 108 22.10 4.39 -10.63
N TRP A 109 21.19 4.98 -9.87
CA TRP A 109 21.19 4.71 -8.44
C TRP A 109 20.17 3.69 -8.02
N SER A 110 20.49 2.96 -6.96
CA SER A 110 19.58 1.96 -6.44
C SER A 110 19.07 2.50 -5.11
N LEU A 111 17.79 2.23 -4.84
CA LEU A 111 17.11 2.70 -3.64
C LEU A 111 16.85 1.65 -2.57
N ILE A 112 17.02 2.04 -1.30
CA ILE A 112 16.78 1.13 -0.19
C ILE A 112 15.55 1.56 0.59
N ASP A 113 14.39 1.00 0.25
CA ASP A 113 13.15 1.37 0.95
C ASP A 113 12.73 0.22 1.83
N ALA A 114 12.54 0.52 3.11
CA ALA A 114 12.12 -0.51 4.05
C ALA A 114 10.74 -0.16 4.56
N ASN A 115 10.06 0.71 3.82
CA ASN A 115 8.73 1.12 4.21
C ASN A 115 7.69 0.08 3.83
N ALA A 116 7.52 -0.89 4.71
CA ALA A 116 6.59 -1.98 4.51
C ALA A 116 6.65 -2.89 5.72
N TRP A 117 5.50 -3.15 6.33
CA TRP A 117 5.44 -3.97 7.52
C TRP A 117 6.32 -5.22 7.52
N GLY A 118 6.23 -6.01 6.45
CA GLY A 118 6.99 -7.24 6.34
C GLY A 118 8.45 -7.11 6.71
N VAL A 119 8.96 -5.88 6.63
CA VAL A 119 10.33 -5.60 6.95
C VAL A 119 10.58 -5.77 8.44
N TRP A 120 9.77 -5.04 9.19
CA TRP A 120 9.89 -4.99 10.63
C TRP A 120 9.36 -6.15 11.46
N PHE A 121 8.13 -6.55 11.22
CA PHE A 121 7.62 -7.63 12.02
C PHE A 121 7.52 -8.93 11.28
N ASN A 122 7.29 -9.97 12.06
CA ASN A 122 7.15 -11.32 11.56
C ASN A 122 5.76 -11.74 12.03
N PRO A 123 5.21 -12.83 11.47
CA PRO A 123 3.88 -13.31 11.84
C PRO A 123 3.49 -13.18 13.29
N ALA A 124 4.32 -13.71 14.18
CA ALA A 124 4.03 -13.66 15.60
C ALA A 124 3.83 -12.22 16.09
N ASP A 125 4.75 -11.35 15.69
CA ASP A 125 4.69 -9.94 16.08
C ASP A 125 3.30 -9.41 15.77
N TRP A 126 2.91 -9.54 14.50
CA TRP A 126 1.63 -9.05 14.07
C TRP A 126 0.53 -9.59 14.95
N GLN A 127 0.43 -10.91 15.02
CA GLN A 127 -0.59 -11.51 15.86
C GLN A 127 -0.65 -10.78 17.20
N LEU A 128 0.49 -10.54 17.82
CA LEU A 128 0.43 -9.85 19.10
C LEU A 128 -0.16 -8.45 19.00
N ILE A 129 0.45 -7.60 18.18
CA ILE A 129 -0.02 -6.24 18.04
C ILE A 129 -1.50 -6.11 17.69
N SER A 130 -1.92 -6.72 16.60
CA SER A 130 -3.31 -6.61 16.18
C SER A 130 -4.32 -7.28 17.10
N ASN A 131 -3.89 -8.31 17.82
CA ASN A 131 -4.75 -9.04 18.75
C ASN A 131 -4.93 -8.34 20.09
N ASN A 132 -4.16 -7.28 20.32
CA ASN A 132 -4.20 -6.58 21.60
C ASN A 132 -4.06 -5.08 21.70
N MET A 133 -3.69 -4.41 20.62
CA MET A 133 -3.54 -2.97 20.69
C MET A 133 -4.76 -2.32 20.07
N THR A 134 -5.26 -1.26 20.68
CA THR A 134 -6.43 -0.60 20.11
C THR A 134 -5.98 0.41 19.05
N GLU A 135 -4.79 0.98 19.24
CA GLU A 135 -4.25 1.95 18.30
C GLU A 135 -2.75 1.83 18.33
N ILE A 136 -2.08 2.36 17.33
CA ILE A 136 -0.64 2.31 17.29
C ILE A 136 -0.17 3.51 16.49
N ASN A 137 1.00 4.02 16.81
CA ASN A 137 1.50 5.17 16.08
C ASN A 137 2.99 5.22 15.86
N LEU A 138 3.36 5.82 14.73
CA LEU A 138 4.74 5.98 14.32
C LEU A 138 5.51 6.94 15.23
N VAL A 139 6.72 6.58 15.62
CA VAL A 139 7.51 7.44 16.50
C VAL A 139 8.88 7.83 15.98
N SER A 140 9.83 6.92 16.06
CA SER A 140 11.16 7.22 15.60
C SER A 140 11.64 6.17 14.62
N PHE A 141 12.61 6.55 13.80
CA PHE A 141 13.17 5.64 12.81
C PHE A 141 14.61 6.02 12.48
N GLU A 142 15.48 5.03 12.37
CA GLU A 142 16.87 5.28 12.05
C GLU A 142 17.50 4.08 11.37
N GLN A 143 18.22 4.35 10.28
CA GLN A 143 18.87 3.29 9.53
C GLN A 143 20.35 3.32 9.85
N GLU A 144 21.11 2.40 9.27
CA GLU A 144 22.54 2.32 9.50
C GLU A 144 23.12 1.26 8.57
N ILE A 145 24.07 1.65 7.73
CA ILE A 145 24.69 0.71 6.81
C ILE A 145 26.05 0.37 7.35
N PHE A 146 26.43 -0.90 7.29
CA PHE A 146 27.71 -1.31 7.84
C PHE A 146 28.35 -2.58 7.25
N ASN A 147 29.61 -2.82 7.65
CA ASN A 147 30.39 -3.94 7.17
C ASN A 147 30.30 -4.02 5.67
N VAL A 148 30.68 -2.92 5.06
CA VAL A 148 30.68 -2.81 3.63
C VAL A 148 31.76 -3.71 3.06
N VAL A 149 31.50 -4.30 1.92
CA VAL A 149 32.49 -5.15 1.27
C VAL A 149 32.29 -5.03 -0.21
N LEU A 150 33.33 -4.55 -0.89
CA LEU A 150 33.23 -4.42 -2.34
C LEU A 150 34.07 -5.53 -2.93
N LYS A 151 33.57 -6.12 -4.01
CA LYS A 151 34.26 -7.22 -4.68
C LYS A 151 34.39 -7.17 -6.20
N THR A 152 35.61 -7.43 -6.64
CA THR A 152 36.01 -7.45 -8.04
C THR A 152 35.78 -8.90 -8.48
N ILE A 153 35.60 -9.09 -9.78
CA ILE A 153 35.37 -10.42 -10.30
C ILE A 153 36.19 -10.57 -11.58
N THR A 154 37.20 -11.43 -11.52
CA THR A 154 38.08 -11.63 -12.65
C THR A 154 37.74 -12.91 -13.43
N GLU A 155 37.68 -12.76 -14.75
CA GLU A 155 37.35 -13.86 -15.68
C GLU A 155 38.55 -14.76 -15.99
N SER A 156 38.31 -16.06 -16.01
CA SER A 156 39.35 -17.05 -16.32
C SER A 156 38.76 -18.13 -17.23
N ALA A 157 38.51 -17.76 -18.48
CA ALA A 157 37.94 -18.67 -19.50
C ALA A 157 38.87 -19.83 -19.89
N THR A 158 39.70 -20.26 -18.93
CA THR A 158 40.64 -21.38 -19.12
C THR A 158 39.81 -22.67 -19.22
N SER A 159 39.47 -23.04 -20.47
CA SER A 159 38.63 -24.20 -20.80
C SER A 159 37.18 -23.92 -20.31
N PRO A 160 36.81 -24.33 -19.07
CA PRO A 160 35.42 -24.00 -18.69
C PRO A 160 35.43 -22.61 -18.01
N PRO A 161 34.45 -21.74 -18.31
CA PRO A 161 34.40 -20.39 -17.70
C PRO A 161 34.46 -20.32 -16.15
N THR A 162 35.68 -20.21 -15.62
CA THR A 162 35.93 -20.12 -14.16
C THR A 162 35.93 -18.68 -13.66
N LYS A 163 35.30 -18.46 -12.50
CA LYS A 163 35.22 -17.12 -11.91
C LYS A 163 36.16 -17.00 -10.72
N ILE A 164 36.92 -15.92 -10.66
CA ILE A 164 37.83 -15.68 -9.54
C ILE A 164 37.33 -14.45 -8.80
N TYR A 165 37.20 -14.54 -7.47
CA TYR A 165 36.70 -13.42 -6.69
C TYR A 165 37.74 -12.75 -5.80
N ASN A 166 37.94 -11.45 -6.02
CA ASN A 166 38.89 -10.68 -5.22
C ASN A 166 38.19 -9.59 -4.44
N ASN A 167 38.94 -8.90 -3.59
CA ASN A 167 38.39 -7.81 -2.81
C ASN A 167 39.07 -6.53 -3.21
N ASP A 168 38.30 -5.55 -3.66
CA ASP A 168 38.92 -4.28 -3.99
C ASP A 168 38.74 -3.54 -2.68
N LEU A 169 39.69 -3.77 -1.79
CA LEU A 169 39.70 -3.17 -0.49
C LEU A 169 39.47 -1.68 -0.59
N THR A 170 40.18 -1.04 -1.50
CA THR A 170 40.08 0.40 -1.67
C THR A 170 38.83 0.97 -2.34
N ALA A 171 38.25 0.24 -3.30
CA ALA A 171 37.06 0.75 -3.97
C ALA A 171 36.03 1.20 -2.93
N SER A 172 35.04 1.98 -3.36
CA SER A 172 34.05 2.51 -2.43
C SER A 172 32.62 2.24 -2.83
N LEU A 173 31.73 2.36 -1.84
CA LEU A 173 30.29 2.19 -2.03
C LEU A 173 29.65 3.55 -1.85
N MET A 174 28.91 4.01 -2.85
CA MET A 174 28.28 5.31 -2.75
C MET A 174 26.95 5.26 -2.04
N VAL A 175 26.80 6.16 -1.06
CA VAL A 175 25.57 6.26 -0.27
C VAL A 175 25.12 7.70 -0.22
N ALA A 176 23.83 7.90 -0.48
CA ALA A 176 23.27 9.24 -0.46
C ALA A 176 21.98 9.25 0.32
N LEU A 177 21.81 10.27 1.13
CA LEU A 177 20.62 10.39 1.92
C LEU A 177 19.95 11.71 1.63
N ASP A 178 18.83 11.66 0.92
CA ASP A 178 18.06 12.85 0.56
C ASP A 178 17.21 13.24 1.75
N THR A 179 17.83 13.91 2.72
CA THR A 179 17.12 14.28 3.93
C THR A 179 15.96 15.20 3.69
N ASN A 180 16.14 16.16 2.79
CA ASN A 180 15.10 17.12 2.52
C ASN A 180 14.12 16.70 1.45
N ASN A 181 14.26 15.48 0.97
CA ASN A 181 13.38 14.99 -0.08
C ASN A 181 13.30 15.95 -1.25
N THR A 182 14.40 16.02 -2.00
CA THR A 182 14.45 16.85 -3.18
C THR A 182 14.10 15.89 -4.32
N LEU A 183 14.67 14.70 -4.25
CA LEU A 183 14.39 13.68 -5.26
C LEU A 183 12.94 13.26 -5.12
N PRO A 184 12.26 13.00 -6.25
CA PRO A 184 10.86 12.59 -6.18
C PRO A 184 10.69 11.37 -5.30
N TYR A 185 9.67 11.40 -4.44
CA TYR A 185 9.39 10.29 -3.54
C TYR A 185 8.86 9.10 -4.33
N THR A 186 9.35 7.90 -4.03
CA THR A 186 8.93 6.68 -4.70
C THR A 186 8.92 5.47 -3.79
N PRO A 187 7.85 5.31 -3.00
CA PRO A 187 7.75 4.17 -2.08
C PRO A 187 7.91 2.88 -2.88
N ALA A 188 8.61 1.90 -2.31
CA ALA A 188 8.84 0.64 -2.99
C ALA A 188 7.68 -0.31 -2.79
N ALA A 189 7.18 -0.31 -1.56
CA ALA A 189 6.08 -1.17 -1.16
C ALA A 189 5.01 -1.53 -2.21
N PRO A 190 4.40 -0.52 -2.85
CA PRO A 190 3.37 -0.77 -3.86
C PRO A 190 3.84 -1.54 -5.08
N ARG A 191 5.07 -2.02 -5.04
CA ARG A 191 5.57 -2.78 -6.18
C ARG A 191 6.45 -3.90 -5.66
N SER A 192 6.15 -4.29 -4.43
CA SER A 192 6.83 -5.34 -3.70
C SER A 192 8.33 -5.37 -4.02
N GLU A 193 8.92 -4.17 -4.06
CA GLU A 193 10.34 -3.99 -4.33
C GLU A 193 11.02 -3.45 -3.08
N THR A 194 10.47 -3.85 -1.93
CA THR A 194 10.97 -3.47 -0.63
C THR A 194 12.12 -4.39 -0.33
N LEU A 195 12.58 -4.36 0.90
CA LEU A 195 13.65 -5.25 1.29
C LEU A 195 12.98 -6.55 1.64
N GLY A 196 13.78 -7.62 1.69
CA GLY A 196 13.27 -8.94 2.01
C GLY A 196 12.72 -9.07 3.41
N PHE A 197 11.46 -9.50 3.49
CA PHE A 197 10.81 -9.68 4.77
C PHE A 197 11.44 -10.79 5.61
N TYR A 198 12.60 -11.28 5.21
CA TYR A 198 13.24 -12.35 5.97
C TYR A 198 14.63 -11.96 6.48
N PRO A 199 14.87 -12.08 7.80
CA PRO A 199 16.15 -11.74 8.42
C PRO A 199 17.29 -12.68 8.02
N TRP A 200 16.98 -13.94 7.79
CA TRP A 200 18.03 -14.87 7.44
C TRP A 200 18.28 -15.03 5.94
N LEU A 201 17.70 -14.14 5.15
CA LEU A 201 17.87 -14.21 3.71
C LEU A 201 18.32 -12.89 3.14
N PRO A 202 19.34 -12.90 2.31
CA PRO A 202 19.85 -11.68 1.69
C PRO A 202 18.78 -10.99 0.85
N THR A 203 19.03 -9.75 0.45
CA THR A 203 18.09 -9.01 -0.35
C THR A 203 18.73 -7.91 -1.22
N LYS A 204 17.98 -7.43 -2.20
CA LYS A 204 18.46 -6.40 -3.13
C LYS A 204 17.65 -5.13 -3.12
N PRO A 205 18.33 -3.98 -3.25
CA PRO A 205 17.71 -2.65 -3.29
C PRO A 205 17.29 -2.49 -4.75
N THR A 206 16.29 -1.68 -5.05
CA THR A 206 15.90 -1.55 -6.46
C THR A 206 16.38 -0.30 -7.21
N GLN A 207 16.27 -0.37 -8.53
CA GLN A 207 16.67 0.73 -9.42
C GLN A 207 15.83 1.96 -9.15
N TYR A 208 16.47 3.11 -8.94
CA TYR A 208 15.69 4.30 -8.71
C TYR A 208 15.34 4.98 -10.01
N ARG A 209 14.05 5.18 -10.23
CA ARG A 209 13.56 5.84 -11.45
C ARG A 209 12.28 6.59 -11.17
N TYR A 210 12.24 7.86 -11.53
CA TYR A 210 11.06 8.65 -11.27
C TYR A 210 10.25 9.00 -12.50
N TYR A 211 9.05 9.50 -12.26
CA TYR A 211 8.18 9.90 -13.35
C TYR A 211 8.60 11.27 -13.89
N LEU A 212 8.40 11.51 -15.19
CA LEU A 212 8.72 12.80 -15.79
C LEU A 212 7.50 13.17 -16.64
N SER A 213 7.15 14.44 -16.72
CA SER A 213 5.96 14.88 -17.47
C SER A 213 5.69 14.17 -18.79
N CYS A 214 4.45 13.71 -18.97
CA CYS A 214 4.05 13.03 -20.20
C CYS A 214 2.98 13.88 -20.82
N ILE A 215 2.69 13.56 -22.07
CA ILE A 215 1.60 14.19 -22.81
C ILE A 215 1.04 12.98 -23.50
N ARG A 216 0.34 12.17 -22.72
CA ARG A 216 -0.26 10.97 -23.23
C ARG A 216 -1.54 11.25 -23.98
N ASN A 217 -1.68 10.57 -25.11
CA ASN A 217 -2.85 10.71 -25.94
C ASN A 217 -3.47 9.35 -26.22
N LEU A 218 -4.78 9.27 -26.04
CA LEU A 218 -5.49 8.03 -26.27
C LEU A 218 -6.85 8.27 -26.89
N ASN A 219 -7.09 9.47 -27.43
CA ASN A 219 -8.38 9.76 -28.04
C ASN A 219 -8.62 8.83 -29.23
N PRO A 220 -9.80 8.21 -29.29
CA PRO A 220 -10.85 8.35 -28.27
C PRO A 220 -11.07 6.99 -27.65
N PRO A 221 -11.70 6.94 -26.47
CA PRO A 221 -11.92 5.62 -25.88
C PRO A 221 -12.69 4.76 -26.86
N THR A 222 -12.61 3.45 -26.70
CA THR A 222 -13.28 2.53 -27.60
C THR A 222 -13.99 1.46 -26.78
N TYR A 223 -14.45 0.40 -27.46
CA TYR A 223 -15.09 -0.73 -26.78
C TYR A 223 -14.73 -1.97 -27.58
N THR A 224 -14.03 -2.88 -26.93
CA THR A 224 -13.57 -4.13 -27.54
C THR A 224 -13.84 -4.39 -29.01
N GLY A 225 -15.11 -4.38 -29.42
CA GLY A 225 -15.42 -4.63 -30.81
C GLY A 225 -15.15 -3.58 -31.89
N GLN A 226 -15.91 -2.49 -31.84
CA GLN A 226 -15.84 -1.41 -32.84
C GLN A 226 -14.53 -1.20 -33.58
N SER A 227 -14.67 -0.67 -34.78
CA SER A 227 -13.54 -0.36 -35.62
C SER A 227 -13.52 1.16 -35.54
N GLN A 228 -12.34 1.70 -35.23
CA GLN A 228 -12.16 3.15 -35.09
C GLN A 228 -10.67 3.35 -35.13
N GLN A 229 -10.22 4.57 -35.39
CA GLN A 229 -8.79 4.81 -35.42
C GLN A 229 -8.33 5.52 -34.16
N ILE A 230 -7.82 4.73 -33.21
CA ILE A 230 -7.33 5.24 -31.93
C ILE A 230 -5.94 5.87 -32.04
N THR A 231 -5.82 7.12 -31.63
CA THR A 231 -4.54 7.79 -31.69
C THR A 231 -3.85 7.43 -30.39
N ASP A 232 -2.63 6.92 -30.47
CA ASP A 232 -1.88 6.52 -29.27
C ASP A 232 -0.50 7.16 -29.31
N SER A 233 -0.32 8.26 -28.60
CA SER A 233 0.97 8.94 -28.60
C SER A 233 1.45 9.36 -27.22
N ILE A 234 2.63 9.94 -27.21
CA ILE A 234 3.25 10.40 -25.98
C ILE A 234 4.47 11.20 -26.39
N GLN A 235 4.65 12.36 -25.77
CA GLN A 235 5.79 13.24 -26.07
C GLN A 235 6.14 13.96 -24.77
N THR A 236 7.36 13.78 -24.28
CA THR A 236 7.77 14.42 -23.03
C THR A 236 7.02 15.73 -22.77
N GLY A 237 6.25 15.71 -21.67
CA GLY A 237 5.41 16.80 -21.19
C GLY A 237 5.70 18.25 -21.55
N LEU A 238 4.88 19.16 -21.03
CA LEU A 238 5.06 20.58 -21.30
C LEU A 238 6.34 21.04 -20.66
N HIS A 239 7.23 21.63 -21.46
CA HIS A 239 8.52 22.08 -20.96
C HIS A 239 8.46 22.68 -19.56
N SER A 240 7.52 23.58 -19.35
CA SER A 240 7.36 24.23 -18.06
C SER A 240 7.17 23.23 -16.92
N ASP A 241 6.84 21.99 -17.25
CA ASP A 241 6.62 20.93 -16.26
C ASP A 241 7.75 19.91 -16.16
N ILE A 242 8.88 20.19 -16.79
CA ILE A 242 9.98 19.26 -16.75
C ILE A 242 10.80 19.34 -15.46
N MET A 243 10.92 18.18 -14.80
CA MET A 243 11.67 18.05 -13.56
C MET A 243 12.78 17.04 -13.74
N PHE A 244 14.02 17.50 -13.92
CA PHE A 244 15.14 16.58 -14.10
C PHE A 244 16.11 16.61 -12.94
N TYR A 245 15.95 15.67 -12.03
CA TYR A 245 16.80 15.63 -10.85
C TYR A 245 18.02 14.75 -10.98
N THR A 246 18.98 15.00 -10.10
CA THR A 246 20.21 14.24 -10.10
C THR A 246 20.68 14.04 -8.69
N ILE A 247 20.81 12.78 -8.31
CA ILE A 247 21.30 12.45 -6.98
C ILE A 247 22.52 13.32 -6.71
N GLU A 248 23.48 13.24 -7.63
CA GLU A 248 24.73 13.99 -7.54
C GLU A 248 24.53 15.48 -7.35
N ASN A 249 23.57 16.03 -8.07
CA ASN A 249 23.31 17.45 -8.00
C ASN A 249 22.50 17.93 -6.83
N ALA A 250 21.73 17.05 -6.20
CA ALA A 250 20.87 17.47 -5.09
C ALA A 250 21.23 16.98 -3.70
N VAL A 251 22.08 15.97 -3.62
CA VAL A 251 22.47 15.41 -2.34
C VAL A 251 23.95 15.08 -2.19
N PRO A 252 24.50 15.33 -1.01
CA PRO A 252 25.91 15.03 -0.78
C PRO A 252 26.02 13.51 -0.69
N ILE A 253 27.05 12.95 -1.32
CA ILE A 253 27.24 11.52 -1.34
C ILE A 253 28.44 11.05 -0.56
N HIS A 254 28.23 10.11 0.34
CA HIS A 254 29.32 9.58 1.13
C HIS A 254 29.95 8.40 0.43
N LEU A 255 31.28 8.36 0.43
CA LEU A 255 31.96 7.22 -0.16
C LEU A 255 32.26 6.32 1.00
N LEU A 256 32.10 5.03 0.81
CA LEU A 256 32.34 4.07 1.87
C LEU A 256 33.27 2.96 1.49
N ARG A 257 34.39 2.84 2.20
CA ARG A 257 35.32 1.76 1.94
C ARG A 257 34.97 0.70 2.98
N THR A 258 35.46 -0.52 2.81
CA THR A 258 35.10 -1.60 3.73
C THR A 258 35.06 -1.21 5.20
N GLY A 259 36.05 -0.45 5.63
CA GLY A 259 36.09 -0.05 7.03
C GLY A 259 35.20 1.13 7.40
N ASP A 260 34.40 1.60 6.46
CA ASP A 260 33.55 2.74 6.76
C ASP A 260 32.15 2.32 7.21
N GLU A 261 31.43 3.29 7.77
CA GLU A 261 30.09 3.08 8.29
C GLU A 261 29.24 4.29 8.00
N PHE A 262 27.94 4.16 8.13
CA PHE A 262 27.04 5.28 7.89
C PHE A 262 25.72 5.09 8.62
N SER A 263 25.11 6.20 9.08
CA SER A 263 23.86 6.11 9.81
C SER A 263 22.92 7.31 9.71
N THR A 264 21.63 7.04 9.46
CA THR A 264 20.60 8.08 9.36
C THR A 264 20.70 8.72 10.73
N GLY A 265 20.14 9.90 10.89
CA GLY A 265 20.15 10.51 12.20
C GLY A 265 19.09 9.71 12.94
N ILE A 266 18.12 10.40 13.54
CA ILE A 266 17.04 9.73 14.24
C ILE A 266 15.81 10.55 13.89
N TYR A 267 15.07 10.13 12.88
CA TYR A 267 13.88 10.85 12.45
C TYR A 267 12.69 10.60 13.34
N HIS A 268 11.94 11.66 13.61
CA HIS A 268 10.75 11.56 14.43
C HIS A 268 9.52 11.85 13.58
N PHE A 269 8.54 10.96 13.62
CA PHE A 269 7.34 11.14 12.84
C PHE A 269 6.34 12.04 13.54
N ASP A 270 5.50 12.67 12.73
CA ASP A 270 4.43 13.54 13.19
C ASP A 270 3.29 12.91 12.43
N THR A 271 2.61 11.96 13.05
CA THR A 271 1.52 11.27 12.35
C THR A 271 0.29 10.98 13.16
N LYS A 272 -0.86 11.11 12.51
CA LYS A 272 -2.15 10.86 13.15
C LYS A 272 -2.15 9.38 13.53
N PRO A 273 -2.26 9.08 14.83
CA PRO A 273 -2.25 7.68 15.26
C PRO A 273 -3.22 6.82 14.44
N LEU A 274 -2.88 5.55 14.31
CA LEU A 274 -3.69 4.63 13.54
C LEU A 274 -4.48 3.70 14.46
N LYS A 275 -5.80 3.60 14.20
CA LYS A 275 -6.66 2.75 15.01
C LYS A 275 -6.51 1.30 14.57
N LEU A 276 -6.47 0.36 15.52
CA LEU A 276 -6.36 -1.06 15.16
C LEU A 276 -7.67 -1.77 15.44
N THR A 277 -8.74 -0.99 15.46
CA THR A 277 -10.09 -1.49 15.71
C THR A 277 -11.00 -1.17 14.53
N HIS A 278 -12.01 -2.00 14.33
CA HIS A 278 -12.94 -1.79 13.23
C HIS A 278 -14.32 -1.45 13.73
N SER A 279 -15.00 -0.59 13.00
CA SER A 279 -16.35 -0.17 13.32
C SER A 279 -17.25 -1.18 12.67
N TRP A 280 -18.53 -1.20 13.03
CA TRP A 280 -19.43 -2.12 12.37
C TRP A 280 -20.73 -1.42 12.06
N GLN A 281 -21.34 -0.84 13.07
CA GLN A 281 -22.60 -0.14 12.90
C GLN A 281 -22.69 0.57 11.55
N THR A 282 -23.87 0.50 10.92
CA THR A 282 -24.13 1.19 9.64
C THR A 282 -25.32 2.05 9.91
N ASN A 283 -25.69 2.86 8.96
CA ASN A 283 -26.83 3.71 9.21
C ASN A 283 -28.01 2.95 9.70
N ARG A 284 -28.10 1.66 9.37
CA ARG A 284 -29.24 0.86 9.81
C ARG A 284 -28.98 0.28 11.19
N SER A 285 -27.98 0.84 11.86
CA SER A 285 -27.57 0.39 13.18
C SER A 285 -27.00 1.54 14.01
N LEU A 286 -27.59 2.71 13.87
CA LEU A 286 -27.12 3.90 14.61
C LEU A 286 -28.19 4.52 15.49
N GLY A 287 -27.98 4.49 16.79
CA GLY A 287 -28.95 5.14 17.66
C GLY A 287 -29.96 4.26 18.34
N LEU A 288 -31.07 4.90 18.72
CA LEU A 288 -32.10 4.18 19.43
C LEU A 288 -33.00 3.35 18.54
N PRO A 289 -32.90 2.03 18.66
CA PRO A 289 -33.70 1.10 17.88
C PRO A 289 -35.16 1.37 18.23
N PRO A 290 -36.06 1.29 17.23
CA PRO A 290 -37.51 1.52 17.40
C PRO A 290 -38.03 0.58 18.46
N LYS A 291 -38.82 1.06 19.41
CA LYS A 291 -39.30 0.12 20.43
C LYS A 291 -40.30 -0.88 19.91
N LEU A 292 -40.08 -2.14 20.27
CA LEU A 292 -40.95 -3.24 19.85
C LEU A 292 -42.18 -3.34 20.72
N LEU A 293 -43.13 -4.17 20.31
CA LEU A 293 -44.35 -4.39 21.08
C LEU A 293 -44.63 -5.88 21.18
N THR A 294 -43.70 -6.70 20.69
CA THR A 294 -43.89 -8.13 20.75
C THR A 294 -42.61 -8.92 20.89
N GLU A 295 -42.23 -9.24 22.11
CA GLU A 295 -41.03 -10.02 22.33
C GLU A 295 -41.42 -11.48 22.11
N PRO A 296 -40.65 -12.23 21.32
CA PRO A 296 -40.88 -13.65 21.00
C PRO A 296 -41.17 -14.52 22.20
N THR A 297 -41.88 -15.62 21.95
CA THR A 297 -42.25 -16.54 23.01
C THR A 297 -41.64 -17.90 22.82
N THR A 298 -40.88 -18.07 21.74
CA THR A 298 -40.29 -19.37 21.49
C THR A 298 -38.83 -19.28 21.01
N GLU A 299 -37.97 -20.05 21.65
CA GLU A 299 -36.54 -20.05 21.34
C GLU A 299 -36.19 -20.12 19.86
N GLY A 300 -35.02 -19.61 19.51
CA GLY A 300 -34.57 -19.65 18.13
C GLY A 300 -34.55 -18.30 17.44
N ASP A 301 -33.44 -17.99 16.78
CA ASP A 301 -33.32 -16.73 16.06
C ASP A 301 -34.37 -16.69 14.95
N GLN A 302 -35.09 -17.79 14.79
CA GLN A 302 -36.13 -17.91 13.78
C GLN A 302 -37.24 -16.91 14.05
N HIS A 303 -37.91 -17.10 15.17
CA HIS A 303 -39.03 -16.27 15.62
C HIS A 303 -38.54 -14.91 16.10
N PRO A 304 -38.98 -13.85 15.42
CA PRO A 304 -38.61 -12.47 15.72
C PRO A 304 -39.68 -11.79 16.53
N GLY A 305 -39.49 -10.49 16.73
CA GLY A 305 -40.43 -9.68 17.47
C GLY A 305 -41.20 -8.77 16.53
N THR A 306 -42.23 -8.13 17.06
CA THR A 306 -43.07 -7.25 16.24
C THR A 306 -42.92 -5.80 16.61
N LEU A 307 -43.04 -4.95 15.59
CA LEU A 307 -43.00 -3.50 15.78
C LEU A 307 -44.39 -2.98 15.51
N PRO A 308 -44.80 -1.91 16.20
CA PRO A 308 -46.14 -1.40 15.92
C PRO A 308 -46.17 -1.08 14.44
N ALA A 309 -47.36 -1.02 13.85
CA ALA A 309 -47.46 -0.70 12.43
C ALA A 309 -46.69 0.60 12.19
N ALA A 310 -46.47 0.99 10.94
CA ALA A 310 -45.77 2.25 10.68
C ALA A 310 -46.65 3.32 11.32
N ASN A 311 -47.24 4.18 10.53
CA ASN A 311 -48.15 5.23 11.05
C ASN A 311 -47.99 5.54 12.53
N THR A 312 -48.49 4.67 13.40
CA THR A 312 -48.42 4.86 14.86
C THR A 312 -47.05 5.14 15.52
N ARG A 313 -45.97 5.11 14.76
CA ARG A 313 -44.63 5.35 15.32
C ARG A 313 -44.38 6.86 15.49
N LYS A 314 -43.49 7.23 16.40
CA LYS A 314 -43.20 8.65 16.66
C LYS A 314 -41.74 9.04 16.44
N GLY A 315 -41.51 10.32 16.14
CA GLY A 315 -40.14 10.78 15.95
C GLY A 315 -39.84 11.69 14.77
N TYR A 316 -38.55 11.79 14.41
CA TYR A 316 -38.13 12.61 13.28
C TYR A 316 -38.26 11.76 12.04
N HIS A 317 -38.19 12.43 10.90
CA HIS A 317 -38.31 11.78 9.60
C HIS A 317 -37.69 12.74 8.60
N GLN A 318 -36.84 12.24 7.73
CA GLN A 318 -36.27 13.16 6.77
C GLN A 318 -37.10 12.98 5.50
N THR A 319 -38.35 12.57 5.70
CA THR A 319 -39.31 12.33 4.63
C THR A 319 -40.69 12.78 5.08
N ILE A 320 -41.63 12.92 4.15
CA ILE A 320 -42.96 13.39 4.50
C ILE A 320 -43.99 12.39 5.07
N ASN A 321 -44.16 11.23 4.42
CA ASN A 321 -45.12 10.19 4.87
C ASN A 321 -45.22 10.00 6.39
N ASN A 322 -46.44 10.01 6.94
CA ASN A 322 -46.62 9.84 8.38
C ASN A 322 -46.15 8.44 8.88
N SER A 323 -45.42 7.66 8.06
CA SER A 323 -44.94 6.32 8.50
C SER A 323 -43.42 6.17 8.61
N TYR A 324 -42.93 5.91 9.82
CA TYR A 324 -41.48 5.82 10.11
C TYR A 324 -40.72 4.52 9.99
N THR A 325 -40.12 4.31 8.83
CA THR A 325 -39.38 3.10 8.57
C THR A 325 -37.90 3.14 8.88
N GLU A 326 -37.33 1.97 9.14
CA GLU A 326 -35.91 1.86 9.44
C GLU A 326 -35.05 2.35 8.29
N ALA A 327 -35.34 1.89 7.09
CA ALA A 327 -34.55 2.33 5.95
C ALA A 327 -34.63 3.84 5.85
N THR A 328 -35.82 4.38 6.11
CA THR A 328 -36.06 5.81 6.05
C THR A 328 -36.09 6.42 7.43
N ALA A 329 -34.99 6.35 8.15
CA ALA A 329 -35.02 6.91 9.49
C ALA A 329 -33.89 7.86 9.75
N ILE A 330 -34.14 8.79 10.65
CA ILE A 330 -33.12 9.74 10.98
C ILE A 330 -31.91 9.09 11.65
N ARG A 331 -30.74 9.38 11.08
CA ARG A 331 -29.47 8.88 11.57
C ARG A 331 -28.51 10.07 11.68
N PRO A 332 -27.53 10.01 12.58
CA PRO A 332 -26.57 11.11 12.75
C PRO A 332 -25.93 11.57 11.47
N ALA A 333 -25.42 10.62 10.69
CA ALA A 333 -24.78 10.95 9.43
C ALA A 333 -24.71 9.78 8.46
N GLN A 334 -23.87 9.93 7.44
CA GLN A 334 -23.70 8.92 6.42
C GLN A 334 -22.42 8.14 6.66
N VAL A 335 -22.57 6.90 7.07
CA VAL A 335 -21.43 6.03 7.30
C VAL A 335 -21.14 5.27 6.01
N GLY A 336 -20.13 5.75 5.28
CA GLY A 336 -19.75 5.16 4.01
C GLY A 336 -20.17 6.08 2.88
N TYR A 337 -20.08 5.61 1.64
CA TYR A 337 -20.46 6.42 0.48
C TYR A 337 -20.06 5.72 -0.83
N ASN A 338 -20.90 5.79 -1.86
CA ASN A 338 -20.58 5.15 -3.14
C ASN A 338 -19.69 6.07 -3.96
N THR A 339 -18.55 5.56 -4.40
CA THR A 339 -17.64 6.37 -5.20
C THR A 339 -17.78 5.78 -6.61
N PRO A 340 -18.21 6.58 -7.59
CA PRO A 340 -18.39 6.09 -8.96
C PRO A 340 -17.36 5.02 -9.31
N TYR A 341 -17.83 3.77 -9.35
CA TYR A 341 -16.90 2.69 -9.58
C TYR A 341 -16.57 2.23 -10.96
N MET A 342 -15.26 2.09 -11.09
CA MET A 342 -14.53 1.67 -12.27
C MET A 342 -14.51 2.82 -13.25
N ASN A 343 -14.58 4.02 -12.67
CA ASN A 343 -14.56 5.24 -13.45
C ASN A 343 -13.12 5.56 -13.80
N PHE A 344 -12.91 5.95 -15.05
CA PHE A 344 -11.58 6.31 -15.53
C PHE A 344 -11.55 7.79 -15.89
N GLU A 345 -10.64 8.50 -15.25
CA GLU A 345 -10.52 9.92 -15.51
C GLU A 345 -9.32 10.16 -16.41
N TYR A 346 -9.30 11.29 -17.10
CA TYR A 346 -8.20 11.53 -18.00
C TYR A 346 -7.60 12.91 -17.89
N SER A 347 -6.34 12.94 -17.50
CA SER A 347 -5.61 14.18 -17.36
C SER A 347 -4.28 13.97 -18.01
N ASN A 348 -3.74 15.04 -18.55
CA ASN A 348 -2.45 15.04 -19.24
C ASN A 348 -1.72 13.70 -19.35
N GLY A 349 -1.31 13.14 -18.21
CA GLY A 349 -0.60 11.88 -18.21
C GLY A 349 -1.34 10.66 -18.76
N GLY A 350 -2.62 10.85 -19.08
CA GLY A 350 -3.42 9.76 -19.61
C GLY A 350 -4.66 9.45 -18.80
N PRO A 351 -5.26 8.27 -19.02
CA PRO A 351 -6.46 7.83 -18.32
C PRO A 351 -6.01 7.07 -17.10
N PHE A 352 -6.93 6.87 -16.15
CA PHE A 352 -6.61 6.14 -14.93
C PHE A 352 -7.82 5.88 -14.06
N LEU A 353 -7.74 4.83 -13.25
CA LEU A 353 -8.84 4.49 -12.36
C LEU A 353 -8.89 5.47 -11.21
N THR A 354 -10.12 5.89 -10.91
CA THR A 354 -10.39 6.83 -9.82
C THR A 354 -10.42 6.01 -8.55
N PRO A 355 -9.45 6.20 -7.67
CA PRO A 355 -9.35 5.48 -6.39
C PRO A 355 -10.56 5.52 -5.47
N ILE A 356 -10.76 4.42 -4.76
CA ILE A 356 -11.87 4.27 -3.83
C ILE A 356 -11.34 3.93 -2.44
N VAL A 357 -11.82 4.63 -1.42
CA VAL A 357 -11.39 4.35 -0.07
C VAL A 357 -11.65 2.90 0.25
N PRO A 358 -10.60 2.11 0.44
CA PRO A 358 -10.77 0.70 0.75
C PRO A 358 -11.46 0.42 2.08
N THR A 359 -12.64 -0.19 1.97
CA THR A 359 -13.44 -0.56 3.13
C THR A 359 -13.90 -2.00 2.88
N ALA A 360 -14.32 -2.68 3.94
CA ALA A 360 -14.78 -4.07 3.84
C ALA A 360 -15.96 -4.25 2.90
N ASP A 361 -16.01 -5.39 2.21
CA ASP A 361 -17.11 -5.67 1.30
C ASP A 361 -18.31 -6.08 2.10
N THR A 362 -19.45 -6.17 1.41
CA THR A 362 -20.68 -6.56 2.05
C THR A 362 -20.90 -8.05 1.84
N GLN A 363 -22.04 -8.55 2.29
CA GLN A 363 -22.36 -9.97 2.13
C GLN A 363 -22.41 -10.34 0.63
N TYR A 364 -22.33 -9.33 -0.22
CA TYR A 364 -22.36 -9.55 -1.67
C TYR A 364 -20.94 -9.31 -2.19
N ASN A 365 -19.97 -10.08 -1.71
CA ASN A 365 -18.55 -9.91 -2.08
C ASN A 365 -18.42 -9.19 -3.42
N ASP A 366 -18.30 -7.85 -3.33
CA ASP A 366 -18.16 -6.95 -4.48
C ASP A 366 -16.72 -6.59 -4.74
N ASP A 367 -16.04 -6.14 -3.70
CA ASP A 367 -14.62 -5.82 -3.80
C ASP A 367 -14.26 -4.57 -4.61
N GLU A 368 -14.07 -4.74 -5.92
CA GLU A 368 -13.68 -3.62 -6.80
C GLU A 368 -14.33 -2.27 -6.51
N PRO A 369 -15.63 -2.27 -6.18
CA PRO A 369 -16.29 -0.99 -5.89
C PRO A 369 -15.99 -0.54 -4.45
N ASN A 370 -15.52 -1.48 -3.64
CA ASN A 370 -15.17 -1.20 -2.26
C ASN A 370 -13.67 -1.13 -2.10
N GLY A 371 -13.00 -0.70 -3.17
CA GLY A 371 -11.56 -0.55 -3.16
C GLY A 371 -10.70 -1.66 -2.57
N ALA A 372 -11.17 -2.90 -2.65
CA ALA A 372 -10.39 -4.01 -2.13
C ALA A 372 -9.00 -3.86 -2.76
N ILE A 373 -7.98 -4.41 -2.12
CA ILE A 373 -6.64 -4.30 -2.66
C ILE A 373 -6.01 -5.66 -2.88
N ARG A 374 -5.78 -5.99 -4.14
CA ARG A 374 -5.20 -7.27 -4.49
C ARG A 374 -3.69 -7.13 -4.60
N PHE A 375 -2.98 -7.75 -3.67
CA PHE A 375 -1.53 -7.68 -3.70
C PHE A 375 -0.95 -8.86 -4.42
N THR A 376 0.24 -8.69 -4.94
CA THR A 376 0.89 -9.79 -5.60
C THR A 376 2.19 -9.96 -4.83
N MET A 377 2.41 -11.18 -4.34
CA MET A 377 3.58 -11.53 -3.56
C MET A 377 4.86 -11.63 -4.35
N ASP A 378 5.84 -12.35 -3.81
CA ASP A 378 7.12 -12.50 -4.47
C ASP A 378 7.96 -13.54 -3.74
N TYR A 379 8.92 -14.13 -4.45
CA TYR A 379 9.80 -15.15 -3.88
C TYR A 379 10.58 -14.57 -2.71
N GLN A 380 10.20 -13.37 -2.29
CA GLN A 380 10.89 -12.71 -1.20
C GLN A 380 9.99 -11.90 -0.29
N HIS A 381 8.70 -11.89 -0.58
CA HIS A 381 7.77 -11.16 0.25
C HIS A 381 6.60 -12.07 0.54
N GLY A 382 6.91 -13.17 1.24
CA GLY A 382 5.90 -14.16 1.56
C GLY A 382 5.97 -15.12 0.42
N HIS A 383 4.96 -15.96 0.27
CA HIS A 383 4.95 -16.89 -0.85
C HIS A 383 6.13 -17.87 -0.84
N LEU A 384 5.84 -19.11 -0.43
CA LEU A 384 6.83 -20.17 -0.36
C LEU A 384 8.06 -19.94 -1.19
N THR A 385 9.19 -19.86 -0.51
CA THR A 385 10.45 -19.65 -1.19
C THR A 385 10.60 -20.75 -2.23
N THR A 386 10.24 -21.96 -1.86
CA THR A 386 10.40 -23.11 -2.75
C THR A 386 9.47 -23.26 -3.95
N SER A 387 8.17 -23.08 -3.72
CA SER A 387 7.15 -23.22 -4.77
C SER A 387 7.67 -23.05 -6.18
N SER A 388 7.16 -23.87 -7.10
CA SER A 388 7.56 -23.82 -8.51
C SER A 388 6.99 -22.61 -9.23
N GLN A 389 5.71 -22.34 -9.01
CA GLN A 389 5.03 -21.20 -9.61
C GLN A 389 5.57 -19.95 -8.92
N GLU A 390 5.73 -18.85 -9.66
CA GLU A 390 6.23 -17.61 -9.04
C GLU A 390 5.10 -16.73 -8.52
N LEU A 391 5.41 -15.93 -7.51
CA LEU A 391 4.45 -15.01 -6.88
C LEU A 391 3.11 -15.58 -6.39
N GLU A 392 2.38 -14.79 -5.61
CA GLU A 392 1.09 -15.21 -5.10
C GLU A 392 0.02 -14.15 -5.28
N ARG A 393 -1.23 -14.57 -5.15
CA ARG A 393 -2.38 -13.70 -5.33
C ARG A 393 -2.85 -13.05 -4.03
N TYR A 394 -4.07 -13.39 -3.62
CA TYR A 394 -4.72 -12.90 -2.42
C TYR A 394 -5.16 -11.43 -2.49
N THR A 395 -6.45 -11.23 -2.22
CA THR A 395 -7.06 -9.92 -2.22
C THR A 395 -7.26 -9.55 -0.76
N PHE A 396 -7.40 -8.26 -0.48
CA PHE A 396 -7.57 -7.85 0.90
C PHE A 396 -8.76 -6.96 1.17
N ASN A 397 -9.45 -7.26 2.26
CA ASN A 397 -10.61 -6.49 2.67
C ASN A 397 -10.47 -6.05 4.10
N PRO A 398 -10.44 -4.73 4.33
CA PRO A 398 -10.30 -4.24 5.70
C PRO A 398 -11.47 -4.77 6.53
N GLN A 399 -11.44 -4.53 7.84
CA GLN A 399 -12.50 -5.00 8.71
C GLN A 399 -13.62 -4.00 8.98
N SER A 400 -13.28 -2.71 9.05
CA SER A 400 -14.28 -1.68 9.31
C SER A 400 -15.39 -1.79 8.28
N LYS A 401 -16.61 -2.03 8.75
CA LYS A 401 -17.75 -2.14 7.85
C LYS A 401 -18.31 -0.79 7.45
N CYS A 402 -18.17 -0.45 6.17
CA CYS A 402 -18.66 0.81 5.62
C CYS A 402 -19.15 0.58 4.20
N GLY A 403 -18.33 -0.10 3.42
CA GLY A 403 -18.63 -0.41 2.03
C GLY A 403 -20.09 -0.57 1.66
N ARG A 404 -20.34 -0.73 0.36
CA ARG A 404 -21.70 -0.88 -0.12
C ARG A 404 -21.95 -2.12 -1.00
N ALA A 405 -23.18 -2.24 -1.49
CA ALA A 405 -23.58 -3.36 -2.34
C ALA A 405 -24.47 -2.80 -3.43
N PRO A 406 -23.91 -1.92 -4.26
CA PRO A 406 -24.65 -1.28 -5.36
C PRO A 406 -25.67 -2.21 -5.99
N LYS A 407 -25.30 -3.48 -6.17
CA LYS A 407 -26.23 -4.46 -6.71
C LYS A 407 -27.19 -4.68 -5.55
N GLN A 408 -28.02 -3.67 -5.35
CA GLN A 408 -28.98 -3.65 -4.26
C GLN A 408 -29.50 -2.23 -4.11
N GLN A 409 -28.58 -1.27 -4.16
CA GLN A 409 -28.95 0.15 -4.03
C GLN A 409 -30.06 0.53 -5.01
N PHE A 410 -30.62 1.73 -4.85
CA PHE A 410 -31.67 2.20 -5.74
C PHE A 410 -32.15 3.59 -5.40
N ASN A 411 -32.93 4.18 -6.30
CA ASN A 411 -33.43 5.52 -6.09
C ASN A 411 -34.92 5.63 -6.42
N GLN A 412 -35.63 6.46 -5.67
CA GLN A 412 -37.05 6.67 -5.93
C GLN A 412 -37.31 8.13 -6.07
N GLN A 413 -38.40 8.50 -6.73
CA GLN A 413 -38.66 9.92 -6.96
C GLN A 413 -39.49 10.70 -5.98
N ALA A 414 -39.53 12.00 -6.26
CA ALA A 414 -40.25 13.04 -5.54
C ALA A 414 -40.73 12.63 -4.14
N PRO A 415 -42.04 12.64 -3.85
CA PRO A 415 -42.38 12.25 -2.49
C PRO A 415 -42.22 10.78 -2.05
N LEU A 416 -41.05 10.21 -2.29
CA LEU A 416 -40.79 8.82 -1.91
C LEU A 416 -41.92 7.90 -2.38
N ASN A 417 -42.78 7.52 -1.44
CA ASN A 417 -43.93 6.65 -1.69
C ASN A 417 -43.58 5.17 -1.52
N LEU A 418 -43.89 4.63 -0.35
CA LEU A 418 -43.63 3.23 -0.05
C LEU A 418 -44.55 2.47 -0.99
N GLU A 419 -43.97 1.84 -2.01
CA GLU A 419 -44.68 1.10 -3.06
C GLU A 419 -44.34 1.89 -4.32
N ASN A 420 -43.25 1.48 -4.95
CA ASN A 420 -42.69 2.11 -6.15
C ASN A 420 -43.57 2.39 -7.33
N THR A 421 -42.91 2.88 -8.36
CA THR A 421 -43.50 3.20 -9.64
C THR A 421 -42.36 2.73 -10.51
N ASN A 422 -42.58 1.75 -11.38
CA ASN A 422 -41.46 1.34 -12.20
C ASN A 422 -40.90 2.61 -12.85
N ASN A 423 -41.79 3.57 -13.09
CA ASN A 423 -41.42 4.86 -13.69
C ASN A 423 -40.71 5.77 -12.71
N GLY A 424 -41.14 5.74 -11.45
CA GLY A 424 -40.54 6.57 -10.42
C GLY A 424 -39.62 5.80 -9.49
N THR A 425 -38.70 5.04 -10.06
CA THR A 425 -37.77 4.25 -9.27
C THR A 425 -36.62 3.77 -10.14
N LEU A 426 -35.41 4.17 -9.80
CA LEU A 426 -34.26 3.75 -10.57
C LEU A 426 -33.74 2.49 -9.92
N LEU A 427 -33.50 1.46 -10.71
CA LEU A 427 -32.99 0.21 -10.17
C LEU A 427 -31.60 -0.21 -10.61
N PRO A 428 -30.97 -1.09 -9.82
CA PRO A 428 -29.62 -1.65 -9.99
C PRO A 428 -29.49 -2.48 -11.25
N SER A 429 -30.51 -2.45 -12.09
CA SER A 429 -30.49 -3.22 -13.31
C SER A 429 -31.05 -2.37 -14.43
N ASP A 430 -30.94 -1.06 -14.28
CA ASP A 430 -31.45 -0.21 -15.32
C ASP A 430 -30.34 0.25 -16.24
N PRO A 431 -30.63 0.27 -17.54
CA PRO A 431 -29.71 0.66 -18.61
C PRO A 431 -29.48 2.15 -18.64
N ILE A 432 -28.23 2.55 -18.38
CA ILE A 432 -27.89 3.97 -18.39
C ILE A 432 -27.27 4.33 -19.71
N GLY A 433 -27.60 5.52 -20.19
CA GLY A 433 -27.06 5.97 -21.45
C GLY A 433 -27.17 4.95 -22.57
N GLY A 434 -28.16 4.08 -22.50
CA GLY A 434 -28.36 3.10 -23.55
C GLY A 434 -27.57 1.80 -23.47
N LYS A 435 -26.50 1.80 -22.69
CA LYS A 435 -25.69 0.60 -22.54
C LYS A 435 -26.39 -0.31 -21.53
N SER A 436 -26.69 -1.53 -21.96
CA SER A 436 -27.42 -2.52 -21.16
C SER A 436 -26.76 -3.12 -19.93
N ASN A 437 -25.57 -2.68 -19.56
CA ASN A 437 -24.95 -3.25 -18.38
C ASN A 437 -24.35 -2.21 -17.45
N MET A 438 -24.42 -0.96 -17.87
CA MET A 438 -23.91 0.13 -17.06
C MET A 438 -25.14 0.67 -16.33
N HIS A 439 -25.20 0.48 -15.03
CA HIS A 439 -26.34 0.95 -14.27
C HIS A 439 -25.99 2.23 -13.52
N PHE A 440 -26.97 2.90 -12.93
CA PHE A 440 -26.71 4.15 -12.25
C PHE A 440 -25.59 4.16 -11.23
N MET A 441 -25.40 3.06 -10.53
CA MET A 441 -24.36 3.00 -9.52
C MET A 441 -22.97 3.30 -10.03
N ASN A 442 -22.69 2.90 -11.26
CA ASN A 442 -21.38 3.13 -11.86
C ASN A 442 -21.00 4.61 -11.93
N THR A 443 -22.02 5.47 -11.93
CA THR A 443 -21.84 6.91 -12.03
C THR A 443 -22.22 7.66 -10.76
N LEU A 444 -22.78 6.93 -9.82
CA LEU A 444 -23.24 7.51 -8.57
C LEU A 444 -22.16 7.83 -7.53
N ASN A 445 -22.17 9.08 -7.05
CA ASN A 445 -21.25 9.54 -6.01
C ASN A 445 -22.05 10.09 -4.82
N THR A 446 -22.00 9.42 -3.67
CA THR A 446 -22.76 9.87 -2.51
C THR A 446 -22.00 10.64 -1.44
N TYR A 447 -20.77 11.03 -1.73
CA TYR A 447 -19.97 11.77 -0.75
C TYR A 447 -20.67 13.06 -0.35
N GLY A 448 -20.54 13.41 0.92
CA GLY A 448 -21.19 14.60 1.44
C GLY A 448 -20.71 15.02 2.81
N PRO A 449 -21.06 16.23 3.22
CA PRO A 449 -20.67 16.79 4.51
C PRO A 449 -21.11 15.87 5.62
N LEU A 450 -22.11 15.04 5.32
CA LEU A 450 -22.65 14.11 6.30
C LEU A 450 -21.87 12.82 6.37
N THR A 451 -21.01 12.61 5.40
CA THR A 451 -20.21 11.39 5.36
C THR A 451 -19.21 11.24 6.49
N ALA A 452 -19.22 10.07 7.09
CA ALA A 452 -18.30 9.71 8.16
C ALA A 452 -17.52 8.57 7.54
N LEU A 453 -16.22 8.70 7.47
CA LEU A 453 -15.40 7.70 6.82
C LEU A 453 -14.33 7.08 7.69
N ASN A 454 -13.72 5.98 7.22
CA ASN A 454 -12.65 5.30 7.96
C ASN A 454 -11.38 5.15 7.13
N ASN A 455 -10.23 5.31 7.78
CA ASN A 455 -8.91 5.23 7.12
C ASN A 455 -8.50 3.82 6.67
N THR A 456 -7.60 3.75 5.69
CA THR A 456 -7.10 2.46 5.16
C THR A 456 -6.68 1.59 6.32
N ALA A 457 -6.36 0.34 6.02
CA ALA A 457 -5.92 -0.54 7.08
C ALA A 457 -4.48 -0.95 6.85
N PRO A 458 -3.79 -1.30 7.92
CA PRO A 458 -2.40 -1.72 7.78
C PRO A 458 -2.48 -3.11 7.17
N VAL A 459 -1.67 -3.38 6.16
CA VAL A 459 -1.75 -4.70 5.57
C VAL A 459 -0.49 -5.47 5.75
N PHE A 460 -0.42 -6.24 6.82
CA PHE A 460 0.75 -7.04 7.08
C PHE A 460 0.77 -8.16 6.05
N PRO A 461 1.89 -8.37 5.37
CA PRO A 461 3.11 -7.60 5.52
C PRO A 461 3.46 -6.72 4.31
N ASN A 462 2.93 -7.08 3.16
CA ASN A 462 3.24 -6.33 1.94
C ASN A 462 2.82 -4.87 1.93
N GLY A 463 2.04 -4.49 2.94
CA GLY A 463 1.55 -3.12 3.06
C GLY A 463 2.57 -2.02 3.31
N GLN A 464 2.31 -0.85 2.75
CA GLN A 464 3.21 0.27 2.92
C GLN A 464 2.85 0.82 4.27
N ILE A 465 3.83 1.42 4.93
CA ILE A 465 3.57 1.96 6.27
C ILE A 465 3.29 3.47 6.35
N TRP A 466 4.28 4.29 6.04
CA TRP A 466 4.03 5.73 6.08
C TRP A 466 4.09 6.24 4.66
N ASP A 467 3.65 7.46 4.42
CA ASP A 467 3.68 8.00 3.06
C ASP A 467 3.80 9.51 3.03
N LYS A 468 4.52 10.04 2.04
CA LYS A 468 4.70 11.48 1.90
C LYS A 468 3.35 12.10 1.56
N GLU A 469 3.14 13.34 1.96
CA GLU A 469 1.86 13.99 1.67
C GLU A 469 1.93 14.75 0.36
N LEU A 470 0.87 14.64 -0.44
CA LEU A 470 0.82 15.32 -1.73
C LEU A 470 0.87 16.84 -1.55
N ASP A 471 1.92 17.46 -2.04
CA ASP A 471 2.06 18.90 -1.87
C ASP A 471 1.11 19.74 -2.71
N THR A 472 -0.19 19.58 -2.47
CA THR A 472 -1.19 20.38 -3.18
C THR A 472 -1.74 21.35 -2.12
N ASP A 473 -2.22 22.51 -2.58
CA ASP A 473 -2.76 23.51 -1.66
C ASP A 473 -3.76 22.90 -0.66
N LEU A 474 -4.68 22.09 -1.16
CA LEU A 474 -5.69 21.43 -0.35
C LEU A 474 -5.33 19.97 -0.31
N LYS A 475 -5.21 19.41 0.88
CA LYS A 475 -4.81 18.02 0.99
C LYS A 475 -5.91 16.98 1.13
N PRO A 476 -5.59 15.71 0.84
CA PRO A 476 -6.52 14.57 0.90
C PRO A 476 -6.71 14.22 2.35
N ARG A 477 -7.86 13.66 2.67
CA ARG A 477 -8.14 13.30 4.04
C ARG A 477 -7.40 12.02 4.46
N LEU A 478 -6.77 11.37 3.50
CA LEU A 478 -6.01 10.15 3.77
C LEU A 478 -5.51 9.63 2.44
N HIS A 479 -4.68 8.60 2.48
CA HIS A 479 -4.17 8.01 1.26
C HIS A 479 -4.65 6.58 1.26
N VAL A 480 -4.56 5.91 0.12
CA VAL A 480 -4.98 4.52 0.05
C VAL A 480 -3.74 3.67 0.15
N THR A 481 -2.65 4.24 -0.33
CA THR A 481 -1.34 3.60 -0.32
C THR A 481 -1.04 3.01 1.05
N ALA A 482 -0.98 3.92 2.03
CA ALA A 482 -0.67 3.58 3.41
C ALA A 482 -1.55 4.30 4.44
N PRO A 483 -1.50 3.82 5.69
CA PRO A 483 -2.29 4.39 6.80
C PRO A 483 -1.64 5.61 7.47
N PHE A 484 -0.33 5.74 7.31
CA PHE A 484 0.36 6.88 7.92
C PHE A 484 0.81 7.91 6.91
N VAL A 485 0.43 9.16 7.13
CA VAL A 485 0.83 10.24 6.24
C VAL A 485 1.55 11.25 7.09
N CYS A 486 2.80 11.54 6.74
CA CYS A 486 3.61 12.46 7.52
C CYS A 486 3.17 13.90 7.40
N LYS A 487 2.64 14.45 8.50
CA LYS A 487 2.19 15.83 8.52
C LYS A 487 3.31 16.78 8.11
N ASN A 488 4.52 16.51 8.60
CA ASN A 488 5.69 17.33 8.30
C ASN A 488 6.41 16.83 7.06
N ASN A 489 7.72 16.69 7.17
CA ASN A 489 8.51 16.18 6.06
C ASN A 489 8.77 14.70 6.31
N PRO A 490 8.53 13.85 5.30
CA PRO A 490 8.75 12.40 5.44
C PRO A 490 10.22 12.07 5.58
N PRO A 491 10.53 10.90 6.13
CA PRO A 491 11.93 10.48 6.31
C PRO A 491 12.62 10.51 4.96
N GLY A 492 13.94 10.53 4.98
CA GLY A 492 14.66 10.59 3.71
C GLY A 492 14.78 9.30 2.92
N GLN A 493 14.95 9.44 1.61
CA GLN A 493 15.11 8.29 0.73
C GLN A 493 16.56 7.85 0.86
N LEU A 494 16.82 6.55 0.95
CA LEU A 494 18.20 6.11 1.06
C LEU A 494 18.72 5.61 -0.28
N PHE A 495 19.73 6.28 -0.80
CA PHE A 495 20.26 5.88 -2.09
C PHE A 495 21.62 5.21 -2.04
N VAL A 496 21.81 4.29 -2.97
CA VAL A 496 23.03 3.51 -3.05
C VAL A 496 23.45 3.26 -4.50
N LYS A 497 24.75 3.16 -4.73
CA LYS A 497 25.30 2.92 -6.07
C LYS A 497 26.76 2.59 -5.94
N ILE A 498 27.24 1.59 -6.68
CA ILE A 498 28.64 1.25 -6.58
C ILE A 498 29.55 2.22 -7.31
N ALA A 499 30.53 2.73 -6.58
CA ALA A 499 31.50 3.67 -7.15
C ALA A 499 32.13 3.05 -8.38
N PRO A 500 32.07 3.74 -9.52
CA PRO A 500 32.64 3.25 -10.78
C PRO A 500 34.11 2.87 -10.61
N ASN A 501 34.42 1.63 -10.93
CA ASN A 501 35.77 1.13 -10.79
C ASN A 501 36.55 1.20 -12.08
N LEU A 502 36.81 2.41 -12.55
CA LEU A 502 37.53 2.62 -13.81
C LEU A 502 38.71 1.71 -14.03
N THR A 503 39.05 1.55 -15.30
CA THR A 503 40.18 0.70 -15.69
C THR A 503 41.34 1.58 -16.12
N ASP A 504 42.13 1.10 -17.06
CA ASP A 504 43.26 1.86 -17.55
C ASP A 504 42.89 2.38 -18.93
N ASP A 505 41.73 1.95 -19.41
CA ASP A 505 41.25 2.38 -20.72
C ASP A 505 40.51 3.71 -20.56
N PHE A 506 41.22 4.69 -20.03
CA PHE A 506 40.70 6.04 -19.78
C PHE A 506 39.20 6.17 -19.60
N ASN A 507 38.72 7.41 -19.78
CA ASN A 507 37.33 7.75 -19.68
C ASN A 507 37.17 9.08 -20.40
N ALA A 508 35.95 9.61 -20.43
CA ALA A 508 35.69 10.88 -21.11
C ALA A 508 36.15 10.72 -22.55
N ASP A 509 36.00 11.77 -23.35
CA ASP A 509 36.41 11.70 -24.74
C ASP A 509 35.87 10.42 -25.39
N SER A 510 34.76 9.90 -24.82
CA SER A 510 34.12 8.70 -25.33
C SER A 510 32.73 8.51 -24.71
N PRO A 511 31.89 7.70 -25.37
CA PRO A 511 30.51 7.39 -24.95
C PRO A 511 30.49 6.73 -23.59
N GLN A 512 30.17 5.43 -23.58
CA GLN A 512 30.11 4.69 -22.33
C GLN A 512 31.48 4.12 -22.00
N GLN A 513 31.95 4.47 -20.81
CA GLN A 513 33.24 4.05 -20.28
C GLN A 513 33.25 2.61 -19.75
N PRO A 514 34.33 1.86 -20.00
CA PRO A 514 34.41 0.49 -19.52
C PRO A 514 35.04 0.47 -18.14
N ARG A 515 34.58 -0.45 -17.30
CA ARG A 515 35.14 -0.55 -15.96
C ARG A 515 35.16 -1.96 -15.41
N ILE A 516 36.01 -2.16 -14.41
CA ILE A 516 36.16 -3.43 -13.75
C ILE A 516 34.83 -3.87 -13.21
N ILE A 517 34.53 -5.14 -13.33
CA ILE A 517 33.26 -5.65 -12.84
C ILE A 517 33.33 -5.67 -11.32
N THR A 518 32.47 -4.89 -10.68
CA THR A 518 32.48 -4.83 -9.23
C THR A 518 31.10 -5.01 -8.62
N TYR A 519 31.07 -5.46 -7.37
CA TYR A 519 29.80 -5.62 -6.69
C TYR A 519 29.98 -5.46 -5.19
N SER A 520 28.88 -5.47 -4.44
CA SER A 520 29.00 -5.31 -3.01
C SER A 520 28.03 -6.06 -2.11
N ASN A 521 28.54 -6.42 -0.95
CA ASN A 521 27.76 -7.11 0.06
C ASN A 521 27.90 -6.20 1.25
N PHE A 522 26.81 -5.57 1.65
CA PHE A 522 26.87 -4.71 2.83
C PHE A 522 25.62 -4.86 3.65
N TRP A 523 25.79 -4.86 4.96
CA TRP A 523 24.68 -5.01 5.89
C TRP A 523 23.94 -3.73 6.16
N TRP A 524 22.72 -3.86 6.66
CA TRP A 524 21.90 -2.71 6.95
C TRP A 524 21.04 -3.00 8.17
N LYS A 525 20.90 -2.02 9.05
CA LYS A 525 20.11 -2.20 10.24
C LYS A 525 19.25 -0.98 10.48
N GLY A 526 17.95 -1.22 10.58
CA GLY A 526 17.03 -0.12 10.81
C GLY A 526 16.28 -0.30 12.10
N THR A 527 15.86 0.81 12.71
CA THR A 527 15.14 0.77 13.96
C THR A 527 13.85 1.60 13.91
N LEU A 528 12.73 0.91 13.75
CA LEU A 528 11.44 1.55 13.68
C LEU A 528 10.74 1.40 15.03
N THR A 529 10.34 2.53 15.62
CA THR A 529 9.69 2.54 16.93
C THR A 529 8.26 3.07 16.92
N PHE A 530 7.33 2.28 17.46
CA PHE A 530 5.92 2.68 17.51
C PHE A 530 5.43 2.85 18.94
N THR A 531 4.20 3.35 19.08
CA THR A 531 3.56 3.52 20.37
C THR A 531 2.15 2.98 20.22
N ALA A 532 1.70 2.18 21.17
CA ALA A 532 0.37 1.61 21.07
C ALA A 532 -0.27 1.49 22.44
N LYS A 533 -1.59 1.34 22.45
CA LYS A 533 -2.32 1.19 23.70
C LYS A 533 -2.94 -0.20 23.79
N MET A 534 -2.97 -0.77 24.99
CA MET A 534 -3.54 -2.09 25.22
C MET A 534 -5.06 -2.02 25.15
N ARG A 535 -5.70 -3.17 25.00
CA ARG A 535 -7.16 -3.21 24.95
C ARG A 535 -7.64 -3.63 26.32
N SER A 536 -8.95 -3.57 26.54
CA SER A 536 -9.51 -3.95 27.83
C SER A 536 -10.92 -4.52 27.74
N SER A 537 -11.25 -5.40 28.67
CA SER A 537 -12.55 -6.04 28.70
C SER A 537 -13.61 -5.08 29.17
N ASN A 538 -14.49 -4.70 28.25
CA ASN A 538 -15.56 -3.80 28.60
C ASN A 538 -16.89 -4.51 28.46
N MET A 539 -17.03 -5.26 27.38
CA MET A 539 -18.26 -5.98 27.11
C MET A 539 -18.34 -7.32 27.80
N TRP A 540 -19.30 -8.13 27.39
CA TRP A 540 -19.49 -9.43 28.01
C TRP A 540 -18.85 -10.53 27.22
N ASN A 541 -19.03 -10.44 25.91
CA ASN A 541 -18.52 -11.45 25.01
C ASN A 541 -17.09 -11.27 24.58
N PRO A 542 -16.44 -12.38 24.25
CA PRO A 542 -15.06 -12.38 23.80
C PRO A 542 -15.17 -11.91 22.35
N ILE A 543 -14.07 -11.50 21.75
CA ILE A 543 -14.10 -10.98 20.40
C ILE A 543 -13.25 -11.77 19.42
N GLN A 544 -13.05 -11.18 18.25
CA GLN A 544 -12.21 -11.81 17.25
C GLN A 544 -10.80 -11.82 17.84
N GLN A 545 -9.92 -12.61 17.23
CA GLN A 545 -8.53 -12.75 17.64
C GLN A 545 -8.00 -13.69 16.58
N HIS A 546 -6.80 -13.42 16.08
CA HIS A 546 -6.25 -14.29 15.05
C HIS A 546 -5.45 -15.39 15.71
N THR A 547 -5.82 -16.63 15.42
CA THR A 547 -5.12 -17.75 16.04
C THR A 547 -4.57 -18.80 15.09
N THR A 548 -4.09 -19.86 15.70
CA THR A 548 -3.52 -20.98 15.00
C THR A 548 -4.55 -22.07 14.92
N THR A 549 -4.76 -22.61 13.73
CA THR A 549 -5.69 -23.73 13.54
C THR A 549 -4.78 -24.81 13.02
N ALA A 550 -5.09 -26.06 13.30
CA ALA A 550 -4.20 -27.12 12.82
C ALA A 550 -4.15 -27.10 11.28
N GLU A 551 -4.88 -26.17 10.68
CA GLU A 551 -4.95 -26.06 9.22
C GLU A 551 -4.19 -24.88 8.64
N ASN A 552 -3.38 -24.21 9.46
CA ASN A 552 -2.63 -23.05 8.97
C ASN A 552 -1.23 -22.90 9.55
N ILE A 553 -0.92 -23.62 10.64
CA ILE A 553 0.42 -23.55 11.23
C ILE A 553 1.41 -23.71 10.10
N GLY A 554 1.06 -24.56 9.15
CA GLY A 554 1.94 -24.80 8.01
C GLY A 554 2.50 -23.51 7.44
N ASN A 555 1.70 -22.46 7.47
CA ASN A 555 2.06 -21.14 6.94
C ASN A 555 3.05 -20.35 7.83
N TYR A 556 3.23 -20.79 9.06
CA TYR A 556 4.13 -20.10 9.97
C TYR A 556 5.27 -21.01 10.38
N ILE A 557 5.48 -22.04 9.58
CA ILE A 557 6.52 -22.99 9.83
C ILE A 557 7.27 -23.29 8.55
N PRO A 558 8.59 -23.40 8.64
CA PRO A 558 9.36 -23.71 7.43
C PRO A 558 8.93 -25.05 6.79
N THR A 559 9.59 -25.42 5.70
CA THR A 559 9.29 -26.63 4.97
C THR A 559 10.42 -27.64 5.15
N ASN A 560 10.15 -28.92 4.87
CA ASN A 560 11.21 -29.93 5.02
C ASN A 560 12.39 -29.62 4.10
N ILE A 561 12.27 -28.55 3.32
CA ILE A 561 13.33 -28.15 2.42
C ILE A 561 13.88 -26.77 2.75
N GLY A 562 13.07 -25.97 3.45
CA GLY A 562 13.52 -24.65 3.82
C GLY A 562 12.60 -23.59 3.26
N GLY A 563 11.38 -23.99 2.91
CA GLY A 563 10.43 -23.04 2.38
C GLY A 563 9.82 -22.22 3.50
N ILE A 564 9.60 -20.94 3.24
CA ILE A 564 9.01 -20.06 4.23
C ILE A 564 7.97 -19.21 3.57
N ARG A 565 6.88 -18.95 4.28
CA ARG A 565 5.82 -18.13 3.74
C ARG A 565 5.62 -16.95 4.67
N MET A 566 4.91 -15.96 4.16
CA MET A 566 4.59 -14.79 4.96
C MET A 566 3.28 -14.31 4.43
N PHE A 567 2.32 -15.22 4.40
CA PHE A 567 1.01 -14.90 3.91
C PHE A 567 0.42 -13.83 4.80
N PRO A 568 -0.24 -12.85 4.19
CA PRO A 568 -0.91 -11.70 4.82
C PRO A 568 -2.02 -12.08 5.79
N GLU A 569 -2.24 -11.21 6.78
CA GLU A 569 -3.28 -11.44 7.78
C GLU A 569 -4.15 -10.21 8.04
N TYR A 570 -5.41 -10.47 8.36
CA TYR A 570 -6.36 -9.40 8.64
C TYR A 570 -5.70 -8.51 9.67
N SER A 571 -6.17 -7.27 9.76
CA SER A 571 -5.65 -6.35 10.74
C SER A 571 -6.83 -5.51 11.17
N GLN A 572 -6.72 -4.86 12.33
CA GLN A 572 -7.82 -4.05 12.85
C GLN A 572 -8.93 -5.01 13.24
N LEU A 573 -8.58 -6.14 13.83
CA LEU A 573 -9.61 -7.10 14.16
C LEU A 573 -10.34 -6.96 15.50
N ILE A 574 -10.19 -5.82 16.15
CA ILE A 574 -10.88 -5.61 17.41
C ILE A 574 -12.10 -4.72 17.26
N PRO A 575 -13.28 -5.23 17.60
CA PRO A 575 -14.56 -4.53 17.52
C PRO A 575 -14.55 -3.20 18.26
N ARG A 576 -15.23 -2.22 17.68
CA ARG A 576 -15.29 -0.87 18.23
C ARG A 576 -16.68 -0.21 18.08
N LYS A 577 -17.14 0.46 19.13
CA LYS A 577 -18.41 1.16 19.05
C LYS A 577 -18.22 2.32 18.09
N LEU A 578 -19.29 2.80 17.50
CA LEU A 578 -19.18 3.89 16.57
C LEU A 578 -20.08 5.00 17.07
N TYR A 579 -21.10 4.61 17.81
CA TYR A 579 -22.08 5.53 18.35
C TYR A 579 -22.80 4.77 19.45
#